data_7ZJ0
#
_entry.id   7ZJ0
#
_cell.length_a   44.290
_cell.length_b   49.930
_cell.length_c   78.720
_cell.angle_alpha   71.230
_cell.angle_beta   89.906
_cell.angle_gamma   67.810
#
_symmetry.space_group_name_H-M   'P 1'
#
loop_
_entity.id
_entity.type
_entity.pdbx_description
1 polymer 'Haloalkane dehalogenase'
2 non-polymer [9-[2-carboxy-5-[2-[2-[5-(methylsulfonylamino)pentoxy]ethoxy]ethylcarbamoyl]phenyl]-6-(dimethylamino)xanthen-3-ylidene]-dimethyl-azanium
3 non-polymer GLYCEROL
4 water water
#
_entity_poly.entity_id   1
_entity_poly.type   'polypeptide(L)'
_entity_poly.pdbx_seq_one_letter_code
;GIGTGFPFDPHYVEVLGERMHYVDVGPRDGTPVLFLHGNPTSSYVWRNIIPHVAPTHRCIAPDLIGMGKSDKPDLGYFFD
DHVRFMDAFIEALGLEEVVLVIHDWGSALGFHWAKRNPERVKGIAFMEFIRPIPTWDEWPEFARETFQAFRTTDVGRKLI
IDQNVFIEGTLPMGVVRPLTEVEMDHYREPFLNPVDREPLWRFPNELPIAGEPANIVALVEEYMDWLHQSPVPKLLFWGT
PGVLIPPAEAARLAKSLPNCKAVDIGPGLNLLQEDNPDLIGSEIARWLSTLEI
;
_entity_poly.pdbx_strand_id   A,B
#
# COMPACT_ATOMS: atom_id res chain seq x y z
N GLY A 1 21.03 -33.31 -19.32
CA GLY A 1 20.18 -33.16 -18.14
C GLY A 1 20.09 -31.73 -17.62
N ILE A 2 19.50 -31.57 -16.44
CA ILE A 2 19.35 -30.25 -15.84
C ILE A 2 20.73 -29.73 -15.42
N GLY A 3 21.03 -28.49 -15.77
CA GLY A 3 22.38 -27.97 -15.51
C GLY A 3 22.66 -27.81 -14.02
N THR A 4 23.89 -28.14 -13.63
CA THR A 4 24.33 -28.05 -12.24
C THR A 4 25.27 -26.88 -12.02
N GLY A 5 25.75 -26.23 -13.09
CA GLY A 5 26.73 -25.19 -12.94
C GLY A 5 26.14 -23.83 -12.60
N PHE A 6 27.00 -22.95 -12.11
CA PHE A 6 26.63 -21.57 -11.77
C PHE A 6 27.66 -20.67 -12.40
N PRO A 7 27.48 -20.36 -13.68
CA PRO A 7 28.57 -19.75 -14.44
C PRO A 7 28.68 -18.23 -14.29
N PHE A 8 27.84 -17.60 -13.50
CA PHE A 8 27.67 -16.16 -13.55
C PHE A 8 28.82 -15.44 -12.85
N ASP A 9 29.31 -14.39 -13.49
CA ASP A 9 30.28 -13.53 -12.83
C ASP A 9 29.65 -12.88 -11.62
N PRO A 10 30.37 -12.73 -10.51
CA PRO A 10 29.79 -12.06 -9.33
C PRO A 10 29.72 -10.55 -9.51
N HIS A 11 28.64 -9.98 -9.01
CA HIS A 11 28.48 -8.55 -8.89
C HIS A 11 28.10 -8.26 -7.45
N TYR A 12 28.60 -7.15 -6.93
CA TYR A 12 28.38 -6.77 -5.54
C TYR A 12 27.97 -5.32 -5.44
N VAL A 13 27.11 -5.04 -4.49
CA VAL A 13 26.69 -3.67 -4.20
C VAL A 13 26.59 -3.52 -2.70
N GLU A 14 26.99 -2.38 -2.18
CA GLU A 14 26.90 -2.16 -0.75
C GLU A 14 25.50 -1.63 -0.46
N VAL A 15 24.84 -2.22 0.53
CA VAL A 15 23.43 -1.99 0.83
C VAL A 15 23.36 -1.93 2.35
N LEU A 16 23.01 -0.77 2.90
CA LEU A 16 22.89 -0.57 4.37
C LEU A 16 24.15 -1.04 5.09
N GLY A 17 25.32 -0.74 4.51
CA GLY A 17 26.59 -1.12 5.09
C GLY A 17 27.02 -2.57 4.88
N GLU A 18 26.22 -3.38 4.20
CA GLU A 18 26.51 -4.79 3.94
C GLU A 18 26.71 -5.03 2.44
N ARG A 19 27.55 -6.01 2.08
CA ARG A 19 27.72 -6.32 0.66
C ARG A 19 26.67 -7.36 0.26
N MET A 20 25.91 -7.07 -0.79
CA MET A 20 25.08 -8.08 -1.42
C MET A 20 25.57 -8.47 -2.78
N HIS A 21 25.47 -9.77 -3.05
CA HIS A 21 25.88 -10.38 -4.31
C HIS A 21 24.68 -10.49 -5.23
N TYR A 22 24.88 -10.29 -6.53
CA TYR A 22 23.78 -10.53 -7.47
C TYR A 22 24.32 -10.94 -8.84
N VAL A 23 23.54 -11.76 -9.53
CA VAL A 23 23.75 -12.06 -10.96
C VAL A 23 23.26 -10.85 -11.75
N ASP A 24 23.98 -10.49 -12.82
CA ASP A 24 23.53 -9.41 -13.70
C ASP A 24 23.99 -9.74 -15.12
N VAL A 25 23.07 -10.24 -15.94
CA VAL A 25 23.41 -10.66 -17.29
C VAL A 25 22.38 -10.09 -18.25
N GLY A 26 22.67 -10.24 -19.55
CA GLY A 26 21.73 -9.76 -20.55
C GLY A 26 21.99 -8.33 -20.96
N PRO A 27 21.20 -7.85 -21.90
CA PRO A 27 21.44 -6.51 -22.46
C PRO A 27 21.26 -5.44 -21.41
N ARG A 28 22.00 -4.35 -21.59
CA ARG A 28 22.00 -3.23 -20.66
C ARG A 28 20.75 -2.37 -20.82
N ASP A 29 20.17 -2.34 -22.01
CA ASP A 29 19.00 -1.51 -22.19
C ASP A 29 17.73 -2.34 -21.97
N GLY A 30 16.60 -1.64 -21.91
CA GLY A 30 15.32 -2.30 -21.75
C GLY A 30 14.91 -2.39 -20.29
N THR A 31 13.72 -2.92 -20.09
CA THR A 31 13.21 -3.17 -18.74
C THR A 31 13.90 -4.41 -18.16
N PRO A 32 14.50 -4.33 -16.97
CA PRO A 32 15.14 -5.52 -16.39
C PRO A 32 14.12 -6.47 -15.75
N VAL A 33 14.53 -7.74 -15.68
CA VAL A 33 13.76 -8.80 -15.07
C VAL A 33 14.48 -9.16 -13.77
N LEU A 34 13.81 -8.92 -12.63
CA LEU A 34 14.36 -9.09 -11.29
C LEU A 34 13.88 -10.43 -10.70
N PHE A 35 14.81 -11.35 -10.45
CA PHE A 35 14.51 -12.70 -9.97
C PHE A 35 14.77 -12.77 -8.46
N LEU A 36 13.73 -13.07 -7.68
CA LEU A 36 13.84 -13.17 -6.20
C LEU A 36 13.63 -14.61 -5.70
N HIS A 37 14.69 -15.20 -5.17
CA HIS A 37 14.66 -16.53 -4.55
C HIS A 37 14.09 -16.46 -3.13
N GLY A 38 13.84 -17.64 -2.55
CA GLY A 38 13.36 -17.72 -1.18
C GLY A 38 14.21 -18.68 -0.37
N ASN A 39 13.55 -19.40 0.58
CA ASN A 39 14.22 -20.24 1.56
C ASN A 39 14.18 -21.69 1.15
N PRO A 40 15.31 -22.38 1.17
CA PRO A 40 16.66 -22.03 1.61
C PRO A 40 17.64 -21.94 0.47
N THR A 41 17.23 -21.23 -0.55
CA THR A 41 17.97 -21.22 -1.83
C THR A 41 18.78 -19.92 -1.95
N SER A 42 19.18 -19.58 -3.20
CA SER A 42 19.96 -18.41 -3.55
C SER A 42 19.69 -18.15 -5.02
N SER A 43 20.41 -17.22 -5.61
CA SER A 43 20.34 -17.06 -7.08
C SER A 43 20.63 -18.38 -7.81
N TYR A 44 21.26 -19.36 -7.14
CA TYR A 44 21.49 -20.67 -7.76
C TYR A 44 20.20 -21.29 -8.28
N VAL A 45 19.06 -21.03 -7.61
CA VAL A 45 17.81 -21.68 -8.02
C VAL A 45 17.35 -21.16 -9.37
N TRP A 46 17.87 -20.03 -9.84
CA TRP A 46 17.48 -19.46 -11.12
C TRP A 46 18.44 -19.82 -12.24
N ARG A 47 19.50 -20.58 -11.95
CA ARG A 47 20.60 -20.77 -12.91
C ARG A 47 20.14 -21.34 -14.25
N ASN A 48 19.06 -22.15 -14.28
CA ASN A 48 18.62 -22.77 -15.53
C ASN A 48 17.41 -22.06 -16.14
N ILE A 49 16.93 -21.01 -15.47
CA ILE A 49 15.79 -20.20 -15.92
C ILE A 49 16.28 -18.98 -16.68
N ILE A 50 17.21 -18.26 -16.04
CA ILE A 50 17.83 -17.05 -16.56
C ILE A 50 18.35 -17.23 -18.01
N PRO A 51 19.01 -18.32 -18.39
CA PRO A 51 19.53 -18.38 -19.79
C PRO A 51 18.48 -18.39 -20.86
N HIS A 52 17.19 -18.59 -20.54
CA HIS A 52 16.12 -18.47 -21.51
C HIS A 52 15.72 -17.02 -21.71
N VAL A 53 16.02 -16.16 -20.75
CA VAL A 53 15.58 -14.78 -20.76
C VAL A 53 16.71 -13.83 -21.08
N ALA A 54 17.93 -14.15 -20.67
CA ALA A 54 19.09 -13.31 -20.88
C ALA A 54 19.40 -12.97 -22.37
N PRO A 55 19.00 -13.75 -23.38
CA PRO A 55 19.29 -13.29 -24.75
C PRO A 55 18.66 -11.98 -25.04
N THR A 56 17.47 -11.71 -24.45
CA THR A 56 16.68 -10.57 -24.88
C THR A 56 16.38 -9.56 -23.80
N HIS A 57 16.65 -9.88 -22.53
CA HIS A 57 16.35 -8.99 -21.42
C HIS A 57 17.42 -9.05 -20.37
N ARG A 58 17.63 -7.92 -19.70
CA ARG A 58 18.50 -7.88 -18.55
C ARG A 58 17.93 -8.75 -17.44
N CYS A 59 18.79 -9.57 -16.84
CA CYS A 59 18.39 -10.45 -15.75
C CYS A 59 19.20 -10.10 -14.53
N ILE A 60 18.52 -9.74 -13.42
CA ILE A 60 19.16 -9.43 -12.14
C ILE A 60 18.64 -10.43 -11.08
N ALA A 61 19.55 -11.14 -10.42
CA ALA A 61 19.12 -12.13 -9.43
C ALA A 61 19.94 -11.94 -8.17
N PRO A 62 19.43 -11.21 -7.17
CA PRO A 62 20.20 -10.99 -5.94
C PRO A 62 20.17 -12.20 -5.03
N ASP A 63 21.22 -12.32 -4.22
CA ASP A 63 21.17 -13.21 -3.05
C ASP A 63 20.66 -12.41 -1.86
N LEU A 64 19.56 -12.87 -1.26
CA LEU A 64 19.02 -12.21 -0.07
C LEU A 64 20.11 -12.04 0.99
N ILE A 65 20.00 -10.96 1.78
CA ILE A 65 20.93 -10.75 2.89
C ILE A 65 20.97 -12.02 3.74
N GLY A 66 22.18 -12.38 4.18
CA GLY A 66 22.38 -13.63 4.91
C GLY A 66 22.32 -14.92 4.10
N MET A 67 22.18 -14.87 2.77
CA MET A 67 22.10 -16.09 1.97
C MET A 67 23.00 -15.98 0.76
N GLY A 68 23.22 -17.13 0.10
CA GLY A 68 24.05 -17.15 -1.11
C GLY A 68 25.43 -16.59 -0.84
N LYS A 69 25.87 -15.69 -1.70
CA LYS A 69 27.16 -15.02 -1.58
C LYS A 69 27.04 -13.64 -0.92
N SER A 70 25.87 -13.29 -0.40
CA SER A 70 25.72 -12.01 0.26
C SER A 70 26.28 -12.05 1.67
N ASP A 71 26.56 -10.87 2.23
CA ASP A 71 27.10 -10.81 3.59
C ASP A 71 26.10 -11.36 4.59
N LYS A 72 26.65 -11.70 5.76
CA LYS A 72 25.90 -12.38 6.81
C LYS A 72 25.99 -11.65 8.14
N PRO A 73 25.39 -10.46 8.25
CA PRO A 73 25.37 -9.76 9.55
C PRO A 73 24.60 -10.51 10.61
N ASP A 74 24.84 -10.13 11.87
CA ASP A 74 24.19 -10.81 13.00
C ASP A 74 22.82 -10.18 13.22
N LEU A 75 21.86 -10.62 12.43
CA LEU A 75 20.48 -10.14 12.47
C LEU A 75 19.55 -11.26 12.90
N GLY A 76 18.32 -10.88 13.23
CA GLY A 76 17.27 -11.88 13.37
C GLY A 76 16.75 -12.43 12.06
N TYR A 77 16.95 -11.71 10.96
CA TYR A 77 16.50 -12.15 9.62
C TYR A 77 15.00 -12.35 9.59
N PHE A 78 14.28 -11.47 10.29
CA PHE A 78 12.86 -11.39 10.10
C PHE A 78 12.56 -10.96 8.66
N PHE A 79 11.33 -11.21 8.25
CA PHE A 79 10.89 -10.70 6.96
C PHE A 79 11.16 -9.20 6.85
N ASP A 80 10.89 -8.44 7.93
CA ASP A 80 11.15 -7.01 7.88
C ASP A 80 12.62 -6.69 7.57
N ASP A 81 13.55 -7.47 8.09
CA ASP A 81 14.96 -7.23 7.73
C ASP A 81 15.16 -7.41 6.22
N HIS A 82 14.59 -8.49 5.66
CA HIS A 82 14.70 -8.74 4.23
C HIS A 82 14.04 -7.65 3.43
N VAL A 83 12.91 -7.13 3.92
CA VAL A 83 12.26 -6.00 3.21
C VAL A 83 13.19 -4.81 3.14
N ARG A 84 13.77 -4.43 4.27
CA ARG A 84 14.69 -3.28 4.32
C ARG A 84 15.84 -3.45 3.33
N PHE A 85 16.49 -4.63 3.34
CA PHE A 85 17.64 -4.82 2.47
C PHE A 85 17.21 -4.89 1.03
N MET A 86 16.05 -5.46 0.73
CA MET A 86 15.73 -5.58 -0.69
C MET A 86 15.26 -4.25 -1.25
N ASP A 87 14.53 -3.47 -0.44
CA ASP A 87 14.18 -2.11 -0.87
C ASP A 87 15.44 -1.33 -1.22
N ALA A 88 16.46 -1.44 -0.36
CA ALA A 88 17.70 -0.69 -0.54
C ALA A 88 18.53 -1.22 -1.71
N PHE A 89 18.50 -2.53 -1.93
CA PHE A 89 19.18 -3.12 -3.09
C PHE A 89 18.61 -2.54 -4.37
N ILE A 90 17.28 -2.48 -4.47
CA ILE A 90 16.64 -2.04 -5.70
C ILE A 90 17.02 -0.59 -6.00
N GLU A 91 17.08 0.24 -4.96
CA GLU A 91 17.42 1.65 -5.11
C GLU A 91 18.92 1.81 -5.40
N ALA A 92 19.75 0.94 -4.80
CA ALA A 92 21.18 1.02 -5.02
C ALA A 92 21.56 0.74 -6.46
N LEU A 93 20.79 -0.11 -7.17
CA LEU A 93 21.04 -0.42 -8.57
C LEU A 93 20.38 0.60 -9.48
N GLY A 94 19.66 1.57 -8.89
CA GLY A 94 18.94 2.57 -9.68
C GLY A 94 17.85 2.01 -10.57
N LEU A 95 17.24 0.88 -10.20
CA LEU A 95 16.18 0.31 -11.03
C LEU A 95 14.96 1.22 -11.02
N GLU A 96 14.32 1.33 -12.19
CA GLU A 96 13.13 2.15 -12.36
C GLU A 96 11.96 1.20 -12.49
N GLU A 97 11.52 0.86 -13.69
CA GLU A 97 10.47 -0.14 -13.88
C GLU A 97 11.11 -1.50 -14.05
N VAL A 98 10.42 -2.54 -13.58
CA VAL A 98 10.93 -3.90 -13.62
C VAL A 98 9.82 -4.88 -13.94
N VAL A 99 10.22 -6.11 -14.33
CA VAL A 99 9.35 -7.27 -14.31
C VAL A 99 9.88 -8.19 -13.20
N LEU A 100 8.99 -8.72 -12.39
CA LEU A 100 9.36 -9.60 -11.28
C LEU A 100 9.18 -11.07 -11.66
N VAL A 101 10.14 -11.89 -11.28
CA VAL A 101 10.03 -13.35 -11.31
C VAL A 101 10.39 -13.83 -9.91
N ILE A 102 9.42 -14.38 -9.19
CA ILE A 102 9.57 -14.57 -7.76
C ILE A 102 9.07 -15.94 -7.31
N HIS A 103 9.60 -16.39 -6.16
CA HIS A 103 9.37 -17.74 -5.65
C HIS A 103 9.52 -17.76 -4.14
N ASP A 104 8.60 -18.46 -3.47
CA ASP A 104 8.77 -18.80 -2.04
C ASP A 104 8.87 -17.47 -1.27
N TRP A 105 9.85 -17.28 -0.37
CA TRP A 105 9.90 -16.00 0.36
C TRP A 105 10.25 -14.83 -0.56
N GLY A 106 10.95 -15.07 -1.69
CA GLY A 106 11.10 -14.03 -2.71
C GLY A 106 9.77 -13.48 -3.18
N SER A 107 8.74 -14.32 -3.23
CA SER A 107 7.43 -13.85 -3.66
C SER A 107 6.82 -12.91 -2.65
N ALA A 108 6.97 -13.18 -1.35
CA ALA A 108 6.46 -12.21 -0.42
C ALA A 108 7.18 -10.88 -0.57
N LEU A 109 8.51 -10.91 -0.75
CA LEU A 109 9.25 -9.68 -0.96
C LEU A 109 8.77 -8.98 -2.23
N GLY A 110 8.63 -9.75 -3.32
CA GLY A 110 8.24 -9.09 -4.57
C GLY A 110 6.83 -8.55 -4.57
N PHE A 111 5.87 -9.34 -4.05
CA PHE A 111 4.49 -8.86 -4.01
C PHE A 111 4.36 -7.66 -3.04
N HIS A 112 5.06 -7.72 -1.89
CA HIS A 112 4.97 -6.58 -0.97
C HIS A 112 5.59 -5.32 -1.57
N TRP A 113 6.71 -5.46 -2.29
CA TRP A 113 7.30 -4.31 -2.98
C TRP A 113 6.39 -3.82 -4.10
N ALA A 114 5.81 -4.74 -4.86
CA ALA A 114 4.95 -4.34 -5.98
C ALA A 114 3.70 -3.59 -5.48
N LYS A 115 3.11 -4.06 -4.38
CA LYS A 115 1.90 -3.41 -3.88
C LYS A 115 2.18 -1.98 -3.45
N ARG A 116 3.40 -1.75 -2.93
CA ARG A 116 3.82 -0.43 -2.45
C ARG A 116 4.30 0.44 -3.60
N ASN A 117 4.67 -0.15 -4.72
CA ASN A 117 5.26 0.57 -5.86
C ASN A 117 4.64 0.10 -7.17
N PRO A 118 3.32 0.13 -7.31
CA PRO A 118 2.69 -0.54 -8.47
C PRO A 118 3.02 0.12 -9.82
N GLU A 119 3.40 1.40 -9.83
CA GLU A 119 3.77 2.00 -11.11
C GLU A 119 5.07 1.44 -11.65
N ARG A 120 5.84 0.76 -10.83
CA ARG A 120 7.15 0.27 -11.26
C ARG A 120 7.16 -1.21 -11.63
N VAL A 121 6.03 -1.91 -11.54
CA VAL A 121 5.99 -3.33 -11.87
C VAL A 121 5.20 -3.56 -13.14
N LYS A 122 5.88 -4.05 -14.20
CA LYS A 122 5.22 -4.26 -15.47
C LYS A 122 4.74 -5.69 -15.69
N GLY A 123 5.04 -6.61 -14.77
CA GLY A 123 4.46 -7.93 -14.82
C GLY A 123 5.08 -8.70 -13.65
N ILE A 124 4.39 -9.74 -13.23
CA ILE A 124 4.87 -10.66 -12.19
C ILE A 124 4.68 -12.09 -12.63
N ALA A 125 5.79 -12.83 -12.75
CA ALA A 125 5.77 -14.28 -12.86
C ALA A 125 6.07 -14.85 -11.46
N PHE A 126 5.29 -15.83 -11.04
CA PHE A 126 5.44 -16.33 -9.67
C PHE A 126 5.07 -17.80 -9.62
N MET A 127 5.51 -18.47 -8.53
CA MET A 127 5.40 -19.91 -8.40
C MET A 127 5.58 -20.20 -6.92
N GLU A 128 4.83 -21.17 -6.37
CA GLU A 128 5.03 -21.66 -5.00
C GLU A 128 5.26 -20.48 -4.02
N PHE A 129 4.25 -19.59 -3.98
CA PHE A 129 4.36 -18.28 -3.38
C PHE A 129 3.72 -18.26 -2.00
N ILE A 130 4.03 -17.22 -1.23
CA ILE A 130 3.54 -17.09 0.15
C ILE A 130 2.12 -16.51 0.12
N ARG A 131 1.16 -17.27 0.62
CA ARG A 131 -0.23 -16.89 0.84
C ARG A 131 -0.61 -17.19 2.28
N PRO A 132 -1.68 -16.58 2.78
CA PRO A 132 -2.09 -16.95 4.16
C PRO A 132 -2.67 -18.36 4.12
N ILE A 133 -2.09 -19.25 4.91
CA ILE A 133 -2.54 -20.63 4.99
C ILE A 133 -3.57 -20.71 6.11
N PRO A 134 -4.84 -20.99 5.81
CA PRO A 134 -5.87 -20.85 6.85
C PRO A 134 -5.71 -21.82 8.00
N THR A 135 -5.43 -23.09 7.73
CA THR A 135 -5.26 -24.07 8.79
C THR A 135 -4.13 -25.02 8.44
N TRP A 136 -3.64 -25.73 9.46
CA TRP A 136 -2.58 -26.69 9.19
C TRP A 136 -3.07 -27.85 8.34
N ASP A 137 -4.39 -28.04 8.23
CA ASP A 137 -4.93 -29.05 7.33
C ASP A 137 -4.56 -28.76 5.88
N GLU A 138 -4.17 -27.51 5.57
CA GLU A 138 -3.80 -27.12 4.22
C GLU A 138 -2.32 -27.37 3.93
N TRP A 139 -1.52 -27.57 4.97
CA TRP A 139 -0.12 -27.95 4.81
C TRP A 139 -0.01 -29.43 4.43
N PRO A 140 0.88 -29.81 3.50
CA PRO A 140 1.01 -31.23 3.16
C PRO A 140 1.21 -32.12 4.38
N GLU A 141 0.44 -33.20 4.43
CA GLU A 141 0.44 -34.05 5.60
C GLU A 141 1.81 -34.65 5.84
N PHE A 142 2.52 -35.01 4.76
CA PHE A 142 3.81 -35.66 4.92
C PHE A 142 4.86 -34.76 5.56
N ALA A 143 4.59 -33.46 5.66
CA ALA A 143 5.55 -32.49 6.19
C ALA A 143 5.02 -31.72 7.38
N ARG A 144 3.85 -32.09 7.90
CA ARG A 144 3.14 -31.20 8.82
C ARG A 144 3.74 -31.21 10.23
N GLU A 145 4.05 -32.39 10.76
CA GLU A 145 4.60 -32.41 12.10
C GLU A 145 5.96 -31.75 12.12
N THR A 146 6.71 -31.85 11.01
CA THR A 146 8.05 -31.28 11.05
C THR A 146 7.96 -29.77 10.99
N PHE A 147 7.10 -29.23 10.11
CA PHE A 147 7.00 -27.77 10.07
C PHE A 147 6.41 -27.20 11.36
N GLN A 148 5.55 -27.97 12.05
CA GLN A 148 5.09 -27.51 13.36
C GLN A 148 6.25 -27.49 14.34
N ALA A 149 7.11 -28.52 14.30
CA ALA A 149 8.30 -28.54 15.13
C ALA A 149 9.29 -27.44 14.77
N PHE A 150 9.43 -27.13 13.47
CA PHE A 150 10.33 -26.05 13.07
C PHE A 150 9.96 -24.74 13.74
N ARG A 151 8.68 -24.52 13.97
CA ARG A 151 8.17 -23.26 14.53
C ARG A 151 8.20 -23.27 16.05
N THR A 152 9.33 -23.70 16.62
CA THR A 152 9.59 -23.65 18.07
C THR A 152 11.04 -23.24 18.27
N THR A 153 11.34 -22.65 19.43
CA THR A 153 12.73 -22.27 19.68
C THR A 153 13.59 -23.40 20.26
N ASP A 154 12.98 -24.53 20.60
CA ASP A 154 13.79 -25.64 21.10
C ASP A 154 14.04 -26.69 20.05
N VAL A 155 13.04 -27.51 19.76
CA VAL A 155 13.20 -28.52 18.70
C VAL A 155 13.52 -27.87 17.36
N GLY A 156 12.86 -26.74 17.02
CA GLY A 156 13.03 -26.22 15.68
C GLY A 156 14.44 -25.72 15.43
N ARG A 157 15.05 -25.06 16.42
CA ARG A 157 16.43 -24.64 16.29
C ARG A 157 17.40 -25.82 16.31
N LYS A 158 17.16 -26.81 17.17
CA LYS A 158 17.96 -28.03 17.08
C LYS A 158 17.97 -28.57 15.64
N LEU A 159 16.79 -28.78 15.06
CA LEU A 159 16.73 -29.35 13.71
C LEU A 159 17.38 -28.44 12.67
N ILE A 160 17.03 -27.16 12.64
CA ILE A 160 17.41 -26.33 11.50
C ILE A 160 18.82 -25.77 11.65
N ILE A 161 19.13 -25.20 12.80
CA ILE A 161 20.41 -24.57 13.05
C ILE A 161 21.47 -25.61 13.41
N ASP A 162 21.21 -26.44 14.43
CA ASP A 162 22.27 -27.34 14.86
C ASP A 162 22.50 -28.46 13.84
N GLN A 163 21.44 -29.05 13.33
CA GLN A 163 21.54 -30.28 12.54
C GLN A 163 21.40 -30.05 11.04
N ASN A 164 21.03 -28.83 10.62
CA ASN A 164 20.95 -28.44 9.20
C ASN A 164 19.90 -29.26 8.44
N VAL A 165 18.81 -29.62 9.13
CA VAL A 165 17.78 -30.45 8.51
C VAL A 165 17.11 -29.74 7.33
N PHE A 166 17.01 -28.41 7.37
CA PHE A 166 16.30 -27.71 6.30
C PHE A 166 17.06 -27.83 4.99
N ILE A 167 18.41 -27.89 5.07
CA ILE A 167 19.20 -28.09 3.86
C ILE A 167 19.29 -29.59 3.50
N GLU A 168 19.59 -30.46 4.48
CA GLU A 168 19.84 -31.85 4.15
C GLU A 168 18.56 -32.63 3.87
N GLY A 169 17.42 -32.20 4.43
CA GLY A 169 16.21 -32.97 4.27
C GLY A 169 15.07 -32.20 3.61
N THR A 170 14.71 -31.03 4.16
CA THR A 170 13.52 -30.32 3.69
C THR A 170 13.68 -29.88 2.22
N LEU A 171 14.87 -29.39 1.89
CA LEU A 171 15.19 -28.99 0.52
C LEU A 171 15.01 -30.12 -0.49
N PRO A 172 15.65 -31.30 -0.32
CA PRO A 172 15.38 -32.36 -1.31
C PRO A 172 13.93 -32.80 -1.26
N MET A 173 13.28 -32.75 -0.07
CA MET A 173 11.87 -33.09 0.01
C MET A 173 10.98 -32.08 -0.67
N GLY A 174 11.57 -31.01 -1.16
CA GLY A 174 10.87 -29.99 -1.94
C GLY A 174 11.05 -30.09 -3.43
N VAL A 175 11.72 -31.14 -3.90
CA VAL A 175 12.01 -31.37 -5.31
C VAL A 175 11.56 -32.80 -5.64
N VAL A 176 10.84 -32.96 -6.75
CA VAL A 176 10.38 -34.29 -7.09
C VAL A 176 11.54 -35.15 -7.56
N ARG A 177 12.25 -34.67 -8.59
CA ARG A 177 13.41 -35.40 -9.07
C ARG A 177 14.56 -35.33 -8.05
N PRO A 178 15.49 -36.28 -8.10
CA PRO A 178 16.61 -36.28 -7.16
C PRO A 178 17.63 -35.19 -7.49
N LEU A 179 18.06 -34.47 -6.45
CA LEU A 179 19.16 -33.52 -6.58
C LEU A 179 20.48 -34.25 -6.58
N THR A 180 21.40 -33.79 -7.44
CA THR A 180 22.73 -34.41 -7.46
C THR A 180 23.59 -33.90 -6.31
N GLU A 181 24.65 -34.65 -6.01
CA GLU A 181 25.60 -34.20 -4.98
C GLU A 181 26.18 -32.82 -5.27
N VAL A 182 26.48 -32.50 -6.53
CA VAL A 182 26.96 -31.16 -6.89
C VAL A 182 25.90 -30.11 -6.56
N GLU A 183 24.64 -30.38 -6.88
CA GLU A 183 23.58 -29.43 -6.56
C GLU A 183 23.43 -29.27 -5.06
N MET A 184 23.49 -30.38 -4.31
CA MET A 184 23.39 -30.27 -2.86
C MET A 184 24.53 -29.43 -2.31
N ASP A 185 25.75 -29.63 -2.83
CA ASP A 185 26.85 -28.83 -2.33
C ASP A 185 26.70 -27.34 -2.66
N HIS A 186 26.07 -27.02 -3.80
CA HIS A 186 25.79 -25.60 -4.04
C HIS A 186 24.80 -25.03 -3.02
N TYR A 187 23.78 -25.81 -2.63
CA TYR A 187 22.84 -25.30 -1.64
C TYR A 187 23.41 -25.29 -0.21
N ARG A 188 24.36 -26.19 0.06
CA ARG A 188 25.02 -26.23 1.36
C ARG A 188 26.02 -25.09 1.57
N GLU A 189 26.62 -24.58 0.49
CA GLU A 189 27.78 -23.70 0.66
C GLU A 189 27.55 -22.50 1.55
N PRO A 190 26.45 -21.73 1.43
CA PRO A 190 26.30 -20.55 2.28
C PRO A 190 26.14 -20.89 3.75
N PHE A 191 25.88 -22.16 4.10
CA PHE A 191 25.44 -22.49 5.45
C PHE A 191 26.33 -23.51 6.14
N LEU A 192 27.60 -23.60 5.70
CA LEU A 192 28.52 -24.58 6.28
C LEU A 192 28.73 -24.32 7.76
N ASN A 193 28.70 -23.05 8.17
CA ASN A 193 28.86 -22.68 9.58
C ASN A 193 27.47 -22.59 10.22
N PRO A 194 27.18 -23.38 11.26
CA PRO A 194 25.84 -23.35 11.89
C PRO A 194 25.38 -21.96 12.34
N VAL A 195 26.28 -21.08 12.76
CA VAL A 195 25.86 -19.77 13.23
C VAL A 195 25.27 -18.96 12.08
N ASP A 196 25.55 -19.34 10.84
CA ASP A 196 25.02 -18.63 9.70
C ASP A 196 23.63 -19.10 9.29
N ARG A 197 23.01 -20.00 10.05
CA ARG A 197 21.73 -20.61 9.63
C ARG A 197 20.51 -19.90 10.18
N GLU A 198 20.66 -18.75 10.83
CA GLU A 198 19.48 -18.06 11.34
C GLU A 198 18.39 -17.84 10.28
N PRO A 199 18.68 -17.42 9.03
CA PRO A 199 17.57 -17.21 8.09
C PRO A 199 16.80 -18.49 7.81
N LEU A 200 17.47 -19.65 7.84
CA LEU A 200 16.81 -20.91 7.54
C LEU A 200 15.73 -21.25 8.57
N TRP A 201 15.91 -20.81 9.81
CA TRP A 201 14.95 -21.06 10.87
C TRP A 201 13.94 -19.93 11.01
N ARG A 202 14.37 -18.66 10.90
CA ARG A 202 13.39 -17.57 10.99
C ARG A 202 12.37 -17.60 9.85
N PHE A 203 12.81 -17.94 8.62
CA PHE A 203 11.85 -17.93 7.52
C PHE A 203 10.65 -18.84 7.78
N PRO A 204 10.78 -20.14 8.15
CA PRO A 204 9.57 -20.93 8.34
C PRO A 204 8.81 -20.45 9.58
N ASN A 205 9.49 -19.73 10.48
CA ASN A 205 8.79 -19.14 11.62
C ASN A 205 8.01 -17.90 11.27
N GLU A 206 8.26 -17.31 10.11
CA GLU A 206 7.48 -16.20 9.58
C GLU A 206 6.31 -16.63 8.69
N LEU A 207 6.23 -17.90 8.29
CA LEU A 207 5.14 -18.38 7.45
C LEU A 207 3.80 -18.02 8.06
N PRO A 208 2.85 -17.46 7.30
CA PRO A 208 1.54 -17.11 7.88
C PRO A 208 0.59 -18.28 7.87
N ILE A 209 0.58 -19.05 8.97
CA ILE A 209 -0.14 -20.30 9.07
C ILE A 209 -1.08 -20.22 10.27
N ALA A 210 -2.36 -20.55 10.04
CA ALA A 210 -3.38 -20.55 11.08
C ALA A 210 -3.34 -19.27 11.89
N GLY A 211 -3.18 -18.15 11.18
CA GLY A 211 -3.27 -16.87 11.84
C GLY A 211 -2.02 -16.36 12.51
N GLU A 212 -0.91 -17.11 12.46
CA GLU A 212 0.35 -16.79 13.12
C GLU A 212 1.53 -16.80 12.16
N PRO A 213 2.51 -15.87 12.28
CA PRO A 213 2.44 -14.66 13.11
C PRO A 213 1.43 -13.66 12.55
N ALA A 214 0.72 -13.00 13.46
CA ALA A 214 -0.37 -12.14 13.06
C ALA A 214 0.09 -11.02 12.12
N ASN A 215 1.28 -10.47 12.33
CA ASN A 215 1.73 -9.33 11.54
C ASN A 215 2.04 -9.72 10.09
N ILE A 216 2.65 -10.89 9.91
CA ILE A 216 2.93 -11.37 8.56
C ILE A 216 1.62 -11.75 7.88
N VAL A 217 0.70 -12.39 8.61
CA VAL A 217 -0.64 -12.67 8.07
C VAL A 217 -1.25 -11.38 7.50
N ALA A 218 -1.22 -10.30 8.27
CA ALA A 218 -1.81 -9.04 7.80
C ALA A 218 -1.10 -8.51 6.54
N LEU A 219 0.24 -8.52 6.54
CA LEU A 219 1.00 -8.04 5.39
C LEU A 219 0.68 -8.86 4.15
N VAL A 220 0.59 -10.18 4.29
CA VAL A 220 0.38 -11.03 3.13
C VAL A 220 -1.05 -10.94 2.65
N GLU A 221 -1.99 -10.81 3.59
CA GLU A 221 -3.36 -10.57 3.16
C GLU A 221 -3.47 -9.25 2.40
N GLU A 222 -2.69 -8.24 2.78
CA GLU A 222 -2.72 -6.96 2.06
C GLU A 222 -2.26 -7.12 0.61
N TYR A 223 -1.14 -7.81 0.39
CA TYR A 223 -0.76 -7.87 -1.03
C TYR A 223 -1.61 -8.85 -1.82
N MET A 224 -2.23 -9.84 -1.17
CA MET A 224 -3.18 -10.68 -1.88
C MET A 224 -4.42 -9.88 -2.27
N ASP A 225 -4.89 -9.00 -1.39
CA ASP A 225 -5.98 -8.09 -1.71
CA ASP A 225 -5.99 -8.12 -1.74
C ASP A 225 -5.67 -7.32 -2.99
N TRP A 226 -4.47 -6.73 -3.02
CA TRP A 226 -4.03 -6.01 -4.22
C TRP A 226 -4.00 -6.94 -5.42
N LEU A 227 -3.42 -8.15 -5.28
CA LEU A 227 -3.30 -9.04 -6.42
CA LEU A 227 -3.31 -9.03 -6.43
C LEU A 227 -4.67 -9.39 -7.01
N HIS A 228 -5.70 -9.46 -6.18
CA HIS A 228 -7.02 -9.82 -6.68
C HIS A 228 -7.67 -8.69 -7.44
N GLN A 229 -7.18 -7.48 -7.30
CA GLN A 229 -7.75 -6.32 -7.99
C GLN A 229 -6.87 -5.79 -9.12
N SER A 230 -5.54 -5.79 -8.93
CA SER A 230 -4.63 -5.11 -9.85
C SER A 230 -4.66 -5.71 -11.25
N PRO A 231 -4.55 -4.88 -12.29
CA PRO A 231 -4.47 -5.39 -13.65
C PRO A 231 -3.08 -5.84 -14.04
N VAL A 232 -2.11 -5.78 -13.12
CA VAL A 232 -0.73 -6.11 -13.48
C VAL A 232 -0.69 -7.47 -14.19
N PRO A 233 0.04 -7.62 -15.29
CA PRO A 233 0.11 -8.94 -15.92
C PRO A 233 0.72 -9.96 -14.98
N LYS A 234 0.14 -11.17 -14.97
CA LYS A 234 0.51 -12.22 -14.04
C LYS A 234 0.72 -13.55 -14.77
N LEU A 235 1.79 -14.26 -14.38
CA LEU A 235 2.09 -15.58 -14.89
C LEU A 235 2.33 -16.49 -13.70
N LEU A 236 1.46 -17.46 -13.50
CA LEU A 236 1.53 -18.40 -12.36
C LEU A 236 1.94 -19.79 -12.83
N PHE A 237 3.06 -20.30 -12.31
CA PHE A 237 3.48 -21.70 -12.52
C PHE A 237 3.07 -22.55 -11.32
N TRP A 238 2.61 -23.77 -11.59
CA TRP A 238 2.20 -24.63 -10.49
C TRP A 238 2.51 -26.07 -10.85
N GLY A 239 2.62 -26.90 -9.83
CA GLY A 239 2.97 -28.29 -10.03
C GLY A 239 2.12 -29.15 -9.12
N THR A 240 2.21 -30.45 -9.35
CA THR A 240 1.44 -31.42 -8.58
C THR A 240 2.39 -32.30 -7.81
N PRO A 241 2.23 -32.43 -6.50
CA PRO A 241 1.16 -31.93 -5.62
C PRO A 241 1.36 -30.50 -5.12
N GLY A 242 2.52 -29.88 -5.37
CA GLY A 242 2.85 -28.59 -4.76
C GLY A 242 3.13 -28.74 -3.27
N VAL A 243 3.48 -27.60 -2.64
CA VAL A 243 3.67 -27.47 -1.20
C VAL A 243 2.91 -26.25 -0.71
N LEU A 244 3.38 -25.05 -1.08
CA LEU A 244 2.70 -23.83 -0.66
C LEU A 244 1.40 -23.60 -1.44
N ILE A 245 1.34 -24.07 -2.68
CA ILE A 245 0.19 -23.85 -3.54
C ILE A 245 -0.31 -25.20 -4.04
N PRO A 246 -1.38 -25.77 -3.49
CA PRO A 246 -1.93 -27.02 -4.07
C PRO A 246 -2.61 -26.76 -5.41
N PRO A 247 -2.75 -27.80 -6.24
CA PRO A 247 -3.34 -27.58 -7.59
C PRO A 247 -4.70 -26.91 -7.53
N ALA A 248 -5.53 -27.23 -6.54
CA ALA A 248 -6.86 -26.64 -6.49
C ALA A 248 -6.79 -25.14 -6.23
N GLU A 249 -5.80 -24.71 -5.45
CA GLU A 249 -5.58 -23.29 -5.20
C GLU A 249 -5.09 -22.58 -6.46
N ALA A 250 -4.16 -23.20 -7.20
CA ALA A 250 -3.70 -22.60 -8.45
C ALA A 250 -4.86 -22.41 -9.42
N ALA A 251 -5.79 -23.39 -9.45
CA ALA A 251 -6.91 -23.27 -10.40
C ALA A 251 -7.85 -22.13 -10.01
N ARG A 252 -8.12 -21.98 -8.71
CA ARG A 252 -8.93 -20.84 -8.24
C ARG A 252 -8.27 -19.52 -8.62
N LEU A 253 -6.98 -19.41 -8.33
CA LEU A 253 -6.24 -18.19 -8.62
C LEU A 253 -6.23 -17.89 -10.10
N ALA A 254 -6.09 -18.93 -10.93
CA ALA A 254 -6.05 -18.69 -12.37
C ALA A 254 -7.34 -18.05 -12.86
N LYS A 255 -8.44 -18.29 -12.16
CA LYS A 255 -9.70 -17.65 -12.53
C LYS A 255 -9.90 -16.32 -11.81
N SER A 256 -9.47 -16.20 -10.55
CA SER A 256 -9.82 -15.03 -9.76
C SER A 256 -8.88 -13.86 -9.95
N LEU A 257 -7.58 -14.10 -10.20
CA LEU A 257 -6.61 -13.02 -10.36
C LEU A 257 -6.75 -12.40 -11.75
N PRO A 258 -6.86 -11.08 -11.87
CA PRO A 258 -6.98 -10.49 -13.20
C PRO A 258 -5.72 -10.67 -14.03
N ASN A 259 -5.93 -10.82 -15.35
CA ASN A 259 -4.85 -10.86 -16.34
CA ASN A 259 -4.81 -10.81 -16.28
C ASN A 259 -3.79 -11.90 -15.95
N CYS A 260 -4.27 -13.09 -15.62
CA CYS A 260 -3.43 -14.17 -15.11
C CYS A 260 -3.45 -15.37 -16.06
N LYS A 261 -2.26 -15.73 -16.55
CA LYS A 261 -2.00 -16.99 -17.24
C LYS A 261 -1.41 -17.98 -16.25
N ALA A 262 -1.96 -19.17 -16.20
CA ALA A 262 -1.43 -20.22 -15.32
C ALA A 262 -0.85 -21.35 -16.16
N VAL A 263 0.29 -21.91 -15.72
CA VAL A 263 1.03 -22.93 -16.48
C VAL A 263 1.34 -24.11 -15.55
N ASP A 264 0.87 -25.29 -15.95
CA ASP A 264 1.10 -26.56 -15.26
C ASP A 264 2.48 -27.09 -15.64
N ILE A 265 3.39 -27.17 -14.66
CA ILE A 265 4.73 -27.66 -14.96
C ILE A 265 4.86 -29.16 -14.83
N GLY A 266 3.79 -29.86 -14.47
CA GLY A 266 3.88 -31.29 -14.24
C GLY A 266 4.19 -31.59 -12.79
N PRO A 267 4.92 -32.67 -12.54
CA PRO A 267 5.26 -33.00 -11.16
C PRO A 267 6.07 -31.88 -10.51
N GLY A 268 5.68 -31.51 -9.30
CA GLY A 268 6.46 -30.51 -8.61
C GLY A 268 6.02 -30.42 -7.16
N LEU A 269 6.95 -29.94 -6.32
CA LEU A 269 6.68 -29.73 -4.89
C LEU A 269 6.87 -28.25 -4.58
N ASN A 270 8.03 -27.83 -4.06
CA ASN A 270 8.26 -26.40 -3.84
C ASN A 270 9.24 -25.79 -4.84
N LEU A 271 10.41 -26.40 -5.07
CA LEU A 271 11.40 -25.79 -5.96
C LEU A 271 11.07 -26.18 -7.39
N LEU A 272 10.01 -25.56 -7.94
CA LEU A 272 9.56 -25.94 -9.30
C LEU A 272 10.64 -25.73 -10.33
N GLN A 273 11.54 -24.77 -10.09
CA GLN A 273 12.64 -24.52 -11.02
C GLN A 273 13.52 -25.75 -11.18
N GLU A 274 13.60 -26.60 -10.15
CA GLU A 274 14.44 -27.77 -10.20
C GLU A 274 13.76 -28.94 -10.90
N ASP A 275 12.44 -28.92 -11.04
CA ASP A 275 11.76 -30.00 -11.71
C ASP A 275 11.48 -29.72 -13.20
N ASN A 276 11.19 -28.49 -13.61
CA ASN A 276 10.93 -28.20 -15.03
C ASN A 276 11.46 -26.82 -15.41
N PRO A 277 12.78 -26.64 -15.32
CA PRO A 277 13.35 -25.35 -15.69
C PRO A 277 13.13 -25.03 -17.16
N ASP A 278 13.13 -26.03 -18.05
CA ASP A 278 12.96 -25.71 -19.48
C ASP A 278 11.63 -25.01 -19.72
N LEU A 279 10.56 -25.55 -19.15
CA LEU A 279 9.24 -24.96 -19.37
C LEU A 279 9.11 -23.60 -18.69
N ILE A 280 9.59 -23.48 -17.44
CA ILE A 280 9.49 -22.21 -16.74
C ILE A 280 10.23 -21.11 -17.50
N GLY A 281 11.49 -21.38 -17.90
CA GLY A 281 12.26 -20.36 -18.61
C GLY A 281 11.68 -20.01 -19.97
N SER A 282 11.26 -21.04 -20.71
CA SER A 282 10.76 -20.76 -22.06
CA SER A 282 10.73 -20.81 -22.06
C SER A 282 9.41 -20.04 -22.02
N GLU A 283 8.56 -20.36 -21.04
CA GLU A 283 7.27 -19.68 -20.90
C GLU A 283 7.47 -18.23 -20.42
N ILE A 284 8.42 -17.98 -19.52
CA ILE A 284 8.70 -16.61 -19.13
C ILE A 284 9.17 -15.79 -20.34
N ALA A 285 10.09 -16.33 -21.13
CA ALA A 285 10.58 -15.60 -22.32
C ALA A 285 9.45 -15.28 -23.28
N ARG A 286 8.55 -16.25 -23.52
CA ARG A 286 7.43 -15.99 -24.40
C ARG A 286 6.50 -14.93 -23.82
N TRP A 287 6.20 -15.04 -22.54
CA TRP A 287 5.27 -14.11 -21.91
C TRP A 287 5.82 -12.71 -21.92
N LEU A 288 7.14 -12.56 -21.69
CA LEU A 288 7.71 -11.22 -21.70
C LEU A 288 7.46 -10.52 -23.04
N SER A 289 7.50 -11.28 -24.14
CA SER A 289 7.34 -10.68 -25.46
C SER A 289 5.94 -10.12 -25.66
N THR A 290 5.01 -10.39 -24.74
CA THR A 290 3.65 -9.90 -24.82
C THR A 290 3.39 -8.68 -23.95
N LEU A 291 4.36 -8.26 -23.12
CA LEU A 291 4.21 -7.15 -22.21
C LEU A 291 4.68 -5.86 -22.88
N GLU A 292 4.13 -4.73 -22.44
CA GLU A 292 4.57 -3.41 -22.93
C GLU A 292 5.77 -2.96 -22.10
N ILE A 293 6.94 -3.51 -22.43
CA ILE A 293 8.20 -3.23 -21.74
C ILE A 293 9.35 -2.85 -22.64
N GLY B 1 -10.53 -2.76 18.36
CA GLY B 1 -9.90 -2.15 17.21
C GLY B 1 -10.58 -0.84 16.82
N ILE B 2 -10.21 -0.29 15.67
CA ILE B 2 -10.81 0.95 15.18
C ILE B 2 -12.27 0.68 14.77
N GLY B 3 -13.18 1.55 15.19
CA GLY B 3 -14.60 1.32 14.93
C GLY B 3 -14.97 1.37 13.45
N THR B 4 -15.84 0.45 13.02
CA THR B 4 -16.31 0.37 11.65
C THR B 4 -17.75 0.83 11.47
N GLY B 5 -18.47 1.06 12.53
CA GLY B 5 -19.87 1.40 12.38
C GLY B 5 -20.10 2.89 12.15
N PHE B 6 -21.31 3.20 11.72
CA PHE B 6 -21.73 4.58 11.46
C PHE B 6 -23.08 4.76 12.13
N PRO B 7 -23.08 5.00 13.45
CA PRO B 7 -24.33 4.93 14.21
C PRO B 7 -25.21 6.17 14.11
N PHE B 8 -24.80 7.21 13.40
CA PHE B 8 -25.43 8.53 13.52
C PHE B 8 -26.78 8.59 12.82
N ASP B 9 -27.76 9.17 13.49
CA ASP B 9 -29.05 9.40 12.86
C ASP B 9 -28.90 10.37 11.68
N PRO B 10 -29.58 10.12 10.57
CA PRO B 10 -29.47 11.03 9.42
C PRO B 10 -30.20 12.34 9.70
N HIS B 11 -29.59 13.43 9.24
CA HIS B 11 -30.25 14.72 9.15
C HIS B 11 -30.06 15.22 7.74
N TYR B 12 -31.03 16.00 7.25
CA TYR B 12 -31.02 16.51 5.89
C TYR B 12 -31.44 17.96 5.88
N VAL B 13 -30.82 18.72 5.00
CA VAL B 13 -31.20 20.10 4.75
C VAL B 13 -31.26 20.34 3.24
N GLU B 14 -32.27 21.08 2.81
CA GLU B 14 -32.42 21.41 1.38
C GLU B 14 -31.59 22.64 1.04
N VAL B 15 -30.73 22.48 0.03
CA VAL B 15 -29.67 23.44 -0.29
C VAL B 15 -29.68 23.55 -1.81
N LEU B 16 -29.98 24.73 -2.34
CA LEU B 16 -29.94 24.95 -3.80
C LEU B 16 -30.69 23.84 -4.55
N GLY B 17 -31.85 23.46 -4.04
CA GLY B 17 -32.65 22.46 -4.71
C GLY B 17 -32.30 21.01 -4.40
N GLU B 18 -31.27 20.75 -3.59
CA GLU B 18 -30.79 19.39 -3.33
C GLU B 18 -30.77 19.10 -1.84
N ARG B 19 -30.89 17.83 -1.48
CA ARG B 19 -30.74 17.40 -0.10
C ARG B 19 -29.27 17.16 0.20
N MET B 20 -28.78 17.73 1.28
CA MET B 20 -27.46 17.43 1.82
C MET B 20 -27.67 16.69 3.13
N HIS B 21 -27.02 15.57 3.28
CA HIS B 21 -27.05 14.81 4.53
C HIS B 21 -26.01 15.33 5.49
N TYR B 22 -26.32 15.30 6.79
CA TYR B 22 -25.27 15.62 7.74
C TYR B 22 -25.50 14.92 9.08
N VAL B 23 -24.38 14.62 9.77
CA VAL B 23 -24.38 14.17 11.17
C VAL B 23 -24.57 15.41 12.03
N ASP B 24 -25.33 15.28 13.14
CA ASP B 24 -25.58 16.40 14.04
C ASP B 24 -25.76 15.79 15.44
N VAL B 25 -24.71 15.79 16.23
CA VAL B 25 -24.75 15.21 17.57
C VAL B 25 -24.16 16.21 18.54
N GLY B 26 -24.35 15.93 19.85
CA GLY B 26 -23.76 16.78 20.84
C GLY B 26 -24.72 17.86 21.34
N PRO B 27 -24.33 18.53 22.42
CA PRO B 27 -25.21 19.55 23.01
C PRO B 27 -25.33 20.80 22.17
N ARG B 28 -26.45 21.51 22.32
CA ARG B 28 -26.67 22.79 21.67
C ARG B 28 -26.20 23.93 22.58
N ASP B 29 -26.31 25.17 22.09
CA ASP B 29 -26.03 26.39 22.90
C ASP B 29 -24.58 26.53 23.34
N GLY B 30 -23.64 25.90 22.64
CA GLY B 30 -22.25 26.35 22.67
C GLY B 30 -21.80 26.66 21.25
N THR B 31 -20.49 26.77 21.00
CA THR B 31 -19.98 26.91 19.62
C THR B 31 -19.92 25.53 18.95
N PRO B 32 -20.53 25.36 17.78
CA PRO B 32 -20.48 24.06 17.10
C PRO B 32 -19.14 23.83 16.41
N VAL B 33 -18.84 22.54 16.25
CA VAL B 33 -17.64 22.08 15.56
C VAL B 33 -18.09 21.47 14.24
N LEU B 34 -17.60 22.04 13.12
CA LEU B 34 -18.03 21.68 11.76
C LEU B 34 -16.92 20.88 11.10
N PHE B 35 -17.20 19.61 10.81
CA PHE B 35 -16.25 18.65 10.27
C PHE B 35 -16.46 18.51 8.77
N LEU B 36 -15.43 18.81 7.97
CA LEU B 36 -15.51 18.76 6.50
C LEU B 36 -14.57 17.68 5.94
N HIS B 37 -15.16 16.66 5.31
CA HIS B 37 -14.42 15.59 4.64
C HIS B 37 -14.01 16.03 3.24
N GLY B 38 -13.17 15.22 2.61
CA GLY B 38 -12.66 15.45 1.28
C GLY B 38 -12.90 14.25 0.39
N ASN B 39 -12.01 14.10 -0.62
CA ASN B 39 -12.16 13.07 -1.64
C ASN B 39 -11.34 11.83 -1.27
N PRO B 40 -11.90 10.62 -1.35
CA PRO B 40 -13.24 10.19 -1.79
C PRO B 40 -14.08 9.70 -0.66
N THR B 41 -14.12 10.48 0.39
CA THR B 41 -14.74 10.02 1.63
C THR B 41 -16.11 10.64 1.82
N SER B 42 -16.55 10.75 3.08
CA SER B 42 -17.85 11.28 3.52
C SER B 42 -17.71 11.53 5.01
N SER B 43 -18.83 11.89 5.65
CA SER B 43 -18.82 11.96 7.11
C SER B 43 -18.34 10.66 7.76
N TYR B 44 -18.38 9.54 7.05
CA TYR B 44 -17.87 8.29 7.58
C TYR B 44 -16.43 8.42 8.07
N VAL B 45 -15.63 9.29 7.44
CA VAL B 45 -14.22 9.40 7.82
C VAL B 45 -14.08 10.01 9.22
N TRP B 46 -15.12 10.65 9.71
CA TRP B 46 -15.09 11.28 11.04
C TRP B 46 -15.72 10.42 12.13
N ARG B 47 -16.19 9.23 11.77
CA ARG B 47 -16.99 8.42 12.69
C ARG B 47 -16.28 8.13 14.02
N ASN B 48 -14.94 8.03 14.02
CA ASN B 48 -14.22 7.72 15.27
C ASN B 48 -13.58 8.93 15.92
N ILE B 49 -13.72 10.10 15.31
CA ILE B 49 -13.21 11.37 15.82
C ILE B 49 -14.29 12.10 16.60
N ILE B 50 -15.46 12.21 15.97
CA ILE B 50 -16.63 12.85 16.58
C ILE B 50 -16.93 12.34 18.00
N PRO B 51 -16.89 11.04 18.33
CA PRO B 51 -17.26 10.64 19.72
C PRO B 51 -16.37 11.21 20.78
N HIS B 52 -15.16 11.69 20.44
CA HIS B 52 -14.34 12.36 21.44
C HIS B 52 -14.79 13.78 21.72
N VAL B 53 -15.50 14.41 20.78
CA VAL B 53 -15.88 15.82 20.88
C VAL B 53 -17.35 15.96 21.26
N ALA B 54 -18.18 15.07 20.79
CA ALA B 54 -19.61 15.15 21.04
C ALA B 54 -20.05 15.15 22.52
N PRO B 55 -19.30 14.60 23.51
CA PRO B 55 -19.76 14.78 24.90
C PRO B 55 -19.94 16.23 25.27
N THR B 56 -19.08 17.13 24.75
CA THR B 56 -19.02 18.51 25.23
C THR B 56 -19.32 19.57 24.18
N HIS B 57 -19.35 19.21 22.89
CA HIS B 57 -19.59 20.18 21.83
C HIS B 57 -20.49 19.57 20.77
N ARG B 58 -21.32 20.42 20.16
CA ARG B 58 -22.07 20.03 18.97
C ARG B 58 -21.11 19.72 17.85
N CYS B 59 -21.34 18.58 17.19
CA CYS B 59 -20.56 18.16 16.03
C CYS B 59 -21.48 18.09 14.83
N ILE B 60 -21.18 18.86 13.77
CA ILE B 60 -21.91 18.83 12.50
C ILE B 60 -20.96 18.33 11.41
N ALA B 61 -21.33 17.26 10.70
CA ALA B 61 -20.44 16.69 9.68
C ALA B 61 -21.29 16.46 8.44
N PRO B 62 -21.27 17.39 7.46
CA PRO B 62 -22.03 17.20 6.22
C PRO B 62 -21.33 16.29 5.25
N ASP B 63 -22.12 15.63 4.42
CA ASP B 63 -21.58 14.98 3.23
C ASP B 63 -21.61 16.00 2.10
N LEU B 64 -20.45 16.21 1.47
CA LEU B 64 -20.39 17.11 0.32
C LEU B 64 -21.41 16.73 -0.74
N ILE B 65 -21.88 17.73 -1.50
CA ILE B 65 -22.82 17.40 -2.57
C ILE B 65 -22.23 16.35 -3.53
N GLY B 66 -23.05 15.39 -3.93
CA GLY B 66 -22.59 14.29 -4.76
C GLY B 66 -21.84 13.21 -4.00
N MET B 67 -21.70 13.33 -2.67
CA MET B 67 -20.99 12.31 -1.91
C MET B 67 -21.77 11.84 -0.69
N GLY B 68 -21.33 10.73 -0.14
CA GLY B 68 -21.99 10.20 1.04
C GLY B 68 -23.47 9.96 0.79
N LYS B 69 -24.32 10.45 1.71
CA LYS B 69 -25.76 10.27 1.62
C LYS B 69 -26.43 11.51 1.01
N SER B 70 -25.65 12.49 0.56
CA SER B 70 -26.20 13.67 -0.08
C SER B 70 -26.69 13.36 -1.49
N ASP B 71 -27.56 14.25 -1.98
CA ASP B 71 -28.08 14.07 -3.34
C ASP B 71 -26.99 14.17 -4.39
N LYS B 72 -27.34 13.71 -5.59
CA LYS B 72 -26.39 13.54 -6.71
C LYS B 72 -26.86 14.29 -7.95
N PRO B 73 -26.89 15.62 -7.91
CA PRO B 73 -27.25 16.39 -9.11
C PRO B 73 -26.24 16.19 -10.24
N ASP B 74 -26.67 16.49 -11.46
CA ASP B 74 -25.84 16.28 -12.66
C ASP B 74 -24.99 17.53 -12.88
N LEU B 75 -23.91 17.62 -12.09
CA LEU B 75 -22.97 18.74 -12.09
C LEU B 75 -21.61 18.27 -12.60
N GLY B 76 -20.77 19.26 -12.90
CA GLY B 76 -19.34 19.01 -13.10
C GLY B 76 -18.59 18.73 -11.80
N TYR B 77 -19.15 19.13 -10.66
CA TYR B 77 -18.53 18.97 -9.32
C TYR B 77 -17.16 19.63 -9.30
N PHE B 78 -17.09 20.82 -9.93
CA PHE B 78 -15.91 21.64 -9.72
C PHE B 78 -15.83 22.09 -8.28
N PHE B 79 -14.63 22.52 -7.87
CA PHE B 79 -14.51 23.09 -6.54
C PHE B 79 -15.55 24.19 -6.35
N ASP B 80 -15.76 25.01 -7.38
CA ASP B 80 -16.73 26.09 -7.24
C ASP B 80 -18.13 25.58 -6.95
N ASP B 81 -18.51 24.42 -7.49
CA ASP B 81 -19.81 23.85 -7.16
C ASP B 81 -19.87 23.49 -5.68
N HIS B 82 -18.82 22.86 -5.17
CA HIS B 82 -18.77 22.54 -3.76
C HIS B 82 -18.81 23.79 -2.89
N VAL B 83 -18.13 24.86 -3.33
CA VAL B 83 -18.15 26.11 -2.56
C VAL B 83 -19.58 26.64 -2.44
N ARG B 84 -20.30 26.66 -3.57
CA ARG B 84 -21.68 27.15 -3.58
C ARG B 84 -22.55 26.35 -2.63
N PHE B 85 -22.43 25.01 -2.67
CA PHE B 85 -23.27 24.17 -1.85
C PHE B 85 -22.87 24.27 -0.39
N MET B 86 -21.55 24.39 -0.12
CA MET B 86 -21.20 24.40 1.30
C MET B 86 -21.52 25.76 1.93
N ASP B 87 -21.34 26.85 1.18
CA ASP B 87 -21.80 28.17 1.66
C ASP B 87 -23.28 28.10 2.02
N ALA B 88 -24.08 27.44 1.19
CA ALA B 88 -25.53 27.40 1.41
C ALA B 88 -25.88 26.49 2.57
N PHE B 89 -25.15 25.37 2.70
CA PHE B 89 -25.32 24.50 3.85
C PHE B 89 -25.14 25.26 5.15
N ILE B 90 -24.04 26.01 5.26
CA ILE B 90 -23.73 26.67 6.52
C ILE B 90 -24.82 27.69 6.85
N GLU B 91 -25.30 28.41 5.85
CA GLU B 91 -26.36 29.39 6.13
C GLU B 91 -27.67 28.69 6.45
N ALA B 92 -27.95 27.56 5.80
CA ALA B 92 -29.22 26.90 6.03
C ALA B 92 -29.33 26.38 7.46
N LEU B 93 -28.20 26.04 8.07
CA LEU B 93 -28.18 25.58 9.46
C LEU B 93 -28.17 26.75 10.42
N GLY B 94 -28.14 27.98 9.91
CA GLY B 94 -28.10 29.13 10.77
C GLY B 94 -26.87 29.19 11.66
N LEU B 95 -25.77 28.57 11.25
CA LEU B 95 -24.57 28.64 12.08
C LEU B 95 -24.05 30.07 12.13
N GLU B 96 -23.57 30.47 13.31
CA GLU B 96 -22.97 31.77 13.47
C GLU B 96 -21.47 31.58 13.59
N GLU B 97 -20.92 31.49 14.80
CA GLU B 97 -19.51 31.18 14.97
C GLU B 97 -19.32 29.67 15.01
N VAL B 98 -18.17 29.21 14.52
CA VAL B 98 -17.87 27.78 14.43
C VAL B 98 -16.40 27.55 14.72
N VAL B 99 -16.08 26.29 15.04
CA VAL B 99 -14.72 25.77 14.98
C VAL B 99 -14.70 24.79 13.83
N LEU B 100 -13.68 24.88 12.97
CA LEU B 100 -13.57 23.99 11.83
C LEU B 100 -12.59 22.84 12.10
N VAL B 101 -12.97 21.66 11.65
CA VAL B 101 -12.09 20.48 11.62
C VAL B 101 -12.13 19.93 10.20
N ILE B 102 -11.02 20.02 9.46
CA ILE B 102 -11.11 19.88 8.01
C ILE B 102 -9.97 19.04 7.48
N HIS B 103 -10.21 18.42 6.31
CA HIS B 103 -9.31 17.42 5.74
C HIS B 103 -9.42 17.43 4.22
N ASP B 104 -8.29 17.32 3.54
CA ASP B 104 -8.26 17.04 2.08
C ASP B 104 -9.08 18.14 1.39
N TRP B 105 -9.99 17.81 0.47
CA TRP B 105 -10.72 18.90 -0.19
C TRP B 105 -11.64 19.65 0.77
N GLY B 106 -12.04 19.02 1.90
CA GLY B 106 -12.77 19.77 2.93
C GLY B 106 -11.95 20.91 3.49
N SER B 107 -10.61 20.76 3.51
CA SER B 107 -9.77 21.84 4.00
C SER B 107 -9.76 23.02 3.06
N ALA B 108 -9.77 22.77 1.77
CA ALA B 108 -9.89 23.90 0.86
C ALA B 108 -11.21 24.62 1.09
N LEU B 109 -12.31 23.85 1.22
CA LEU B 109 -13.59 24.47 1.50
C LEU B 109 -13.54 25.24 2.80
N GLY B 110 -13.02 24.62 3.85
CA GLY B 110 -13.02 25.32 5.13
C GLY B 110 -12.12 26.55 5.16
N PHE B 111 -10.89 26.44 4.61
CA PHE B 111 -9.99 27.60 4.60
C PHE B 111 -10.53 28.72 3.73
N HIS B 112 -11.16 28.36 2.60
CA HIS B 112 -11.68 29.40 1.70
C HIS B 112 -12.89 30.09 2.35
N TRP B 113 -13.70 29.33 3.08
CA TRP B 113 -14.81 29.93 3.82
C TRP B 113 -14.31 30.79 4.98
N ALA B 114 -13.32 30.32 5.70
CA ALA B 114 -12.80 31.07 6.85
C ALA B 114 -12.17 32.39 6.41
N LYS B 115 -11.48 32.37 5.26
CA LYS B 115 -10.81 33.57 4.79
C LYS B 115 -11.84 34.61 4.43
N ARG B 116 -12.99 34.17 3.96
CA ARG B 116 -14.06 35.07 3.57
C ARG B 116 -14.92 35.47 4.73
N ASN B 117 -14.86 34.69 5.83
CA ASN B 117 -15.71 34.95 7.00
C ASN B 117 -14.91 34.86 8.29
N PRO B 118 -13.81 35.61 8.43
CA PRO B 118 -12.89 35.32 9.55
C PRO B 118 -13.48 35.64 10.92
N GLU B 119 -14.48 36.53 10.99
CA GLU B 119 -15.11 36.79 12.29
C GLU B 119 -15.86 35.58 12.82
N ARG B 120 -16.18 34.62 11.96
CA ARG B 120 -17.01 33.50 12.36
C ARG B 120 -16.23 32.25 12.69
N VAL B 121 -14.90 32.27 12.61
CA VAL B 121 -14.13 31.05 12.80
C VAL B 121 -13.30 31.20 14.06
N LYS B 122 -13.58 30.37 15.08
CA LYS B 122 -12.91 30.49 16.35
C LYS B 122 -11.73 29.54 16.49
N GLY B 123 -11.48 28.71 15.48
CA GLY B 123 -10.30 27.86 15.48
C GLY B 123 -10.39 26.96 14.26
N ILE B 124 -9.25 26.48 13.80
CA ILE B 124 -9.21 25.50 12.70
C ILE B 124 -8.29 24.35 13.07
N ALA B 125 -8.83 23.14 13.11
CA ALA B 125 -8.01 21.93 13.17
C ALA B 125 -7.97 21.35 11.76
N PHE B 126 -6.77 21.01 11.28
CA PHE B 126 -6.64 20.55 9.91
C PHE B 126 -5.54 19.50 9.80
N MET B 127 -5.57 18.77 8.68
CA MET B 127 -4.74 17.62 8.39
C MET B 127 -4.80 17.32 6.90
N GLU B 128 -3.64 16.95 6.34
CA GLU B 128 -3.55 16.51 4.95
C GLU B 128 -4.41 17.41 4.05
N PHE B 129 -4.02 18.68 4.03
CA PHE B 129 -4.84 19.76 3.50
C PHE B 129 -4.30 20.19 2.14
N ILE B 130 -5.12 20.99 1.41
CA ILE B 130 -4.82 21.41 0.04
C ILE B 130 -3.94 22.66 0.09
N ARG B 131 -2.74 22.56 -0.47
CA ARG B 131 -1.79 23.65 -0.60
C ARG B 131 -1.31 23.65 -2.04
N PRO B 132 -0.79 24.77 -2.53
CA PRO B 132 -0.25 24.75 -3.90
C PRO B 132 0.98 23.85 -3.93
N ILE B 133 0.94 22.88 -4.85
CA ILE B 133 2.06 21.98 -5.10
C ILE B 133 2.85 22.57 -6.27
N PRO B 134 4.04 23.15 -6.04
CA PRO B 134 4.73 23.87 -7.13
C PRO B 134 5.21 22.99 -8.27
N THR B 135 5.74 21.80 -8.00
CA THR B 135 6.18 20.93 -9.10
C THR B 135 5.74 19.52 -8.80
N TRP B 136 5.67 18.70 -9.86
CA TRP B 136 5.35 17.28 -9.66
C TRP B 136 6.39 16.57 -8.82
N ASP B 137 7.59 17.13 -8.69
CA ASP B 137 8.58 16.47 -7.84
C ASP B 137 8.17 16.46 -6.38
N GLU B 138 7.24 17.31 -5.96
CA GLU B 138 6.80 17.30 -4.58
C GLU B 138 5.50 16.52 -4.37
N TRP B 139 4.97 15.90 -5.42
CA TRP B 139 4.01 14.81 -5.24
C TRP B 139 4.74 13.50 -4.95
N PRO B 140 4.22 12.64 -4.07
CA PRO B 140 4.92 11.39 -3.74
C PRO B 140 5.25 10.55 -4.97
N GLU B 141 6.51 10.11 -5.05
CA GLU B 141 6.97 9.32 -6.19
C GLU B 141 6.07 8.12 -6.46
N PHE B 142 5.68 7.36 -5.42
CA PHE B 142 4.98 6.11 -5.66
C PHE B 142 3.59 6.33 -6.24
N ALA B 143 3.13 7.58 -6.29
CA ALA B 143 1.79 7.84 -6.77
C ALA B 143 1.77 8.83 -7.91
N ARG B 144 2.94 9.15 -8.45
CA ARG B 144 3.06 10.30 -9.34
C ARG B 144 2.49 10.03 -10.74
N GLU B 145 2.85 8.90 -11.36
CA GLU B 145 2.38 8.63 -12.73
C GLU B 145 0.87 8.42 -12.76
N THR B 146 0.32 7.88 -11.64
CA THR B 146 -1.11 7.64 -11.61
C THR B 146 -1.87 8.96 -11.48
N PHE B 147 -1.41 9.87 -10.59
CA PHE B 147 -2.13 11.15 -10.47
C PHE B 147 -1.97 11.99 -11.73
N GLN B 148 -0.83 11.85 -12.43
CA GLN B 148 -0.71 12.50 -13.73
C GLN B 148 -1.72 11.94 -14.72
N ALA B 149 -1.88 10.60 -14.74
CA ALA B 149 -2.89 9.96 -15.57
C ALA B 149 -4.31 10.33 -15.18
N PHE B 150 -4.60 10.44 -13.87
CA PHE B 150 -5.93 10.83 -13.43
C PHE B 150 -6.34 12.16 -14.03
N ARG B 151 -5.38 13.06 -14.19
CA ARG B 151 -5.64 14.42 -14.68
C ARG B 151 -5.70 14.45 -16.20
N THR B 152 -6.41 13.49 -16.80
CA THR B 152 -6.63 13.47 -18.25
C THR B 152 -8.08 13.05 -18.46
N THR B 153 -8.66 13.39 -19.61
CA THR B 153 -10.06 13.03 -19.83
C THR B 153 -10.20 11.66 -20.47
N ASP B 154 -9.10 11.03 -20.90
CA ASP B 154 -9.22 9.71 -21.49
C ASP B 154 -8.82 8.63 -20.47
N VAL B 155 -7.53 8.52 -20.16
CA VAL B 155 -7.09 7.51 -19.19
C VAL B 155 -7.68 7.78 -17.81
N GLY B 156 -7.69 9.06 -17.40
CA GLY B 156 -8.13 9.37 -16.04
C GLY B 156 -9.57 8.98 -15.79
N ARG B 157 -10.44 9.24 -16.76
CA ARG B 157 -11.84 8.86 -16.62
C ARG B 157 -12.01 7.35 -16.70
N LYS B 158 -11.25 6.68 -17.58
CA LYS B 158 -11.30 5.22 -17.58
C LYS B 158 -10.99 4.67 -16.17
N LEU B 159 -9.88 5.13 -15.57
CA LEU B 159 -9.48 4.61 -14.27
C LEU B 159 -10.51 4.97 -13.20
N ILE B 160 -10.91 6.22 -13.10
CA ILE B 160 -11.70 6.66 -11.92
C ILE B 160 -13.17 6.37 -12.13
N ILE B 161 -13.73 6.74 -13.29
CA ILE B 161 -15.16 6.60 -13.52
C ILE B 161 -15.51 5.17 -13.93
N ASP B 162 -14.85 4.63 -14.95
CA ASP B 162 -15.22 3.29 -15.41
C ASP B 162 -14.76 2.20 -14.47
N GLN B 163 -13.51 2.24 -14.00
CA GLN B 163 -12.94 1.14 -13.24
C GLN B 163 -12.96 1.36 -11.73
N ASN B 164 -13.34 2.55 -11.28
CA ASN B 164 -13.46 2.86 -9.84
C ASN B 164 -12.15 2.72 -9.08
N VAL B 165 -11.02 2.99 -9.75
CA VAL B 165 -9.68 2.90 -9.14
C VAL B 165 -9.52 3.83 -7.93
N PHE B 166 -10.19 4.99 -7.90
CA PHE B 166 -9.97 5.91 -6.80
C PHE B 166 -10.51 5.32 -5.50
N ILE B 167 -11.57 4.52 -5.59
CA ILE B 167 -12.12 3.86 -4.39
C ILE B 167 -11.38 2.55 -4.12
N GLU B 168 -11.12 1.75 -5.15
CA GLU B 168 -10.58 0.41 -4.89
C GLU B 168 -9.08 0.42 -4.63
N GLY B 169 -8.35 1.39 -5.17
CA GLY B 169 -6.92 1.45 -4.98
C GLY B 169 -6.39 2.69 -4.32
N THR B 170 -6.77 3.87 -4.83
CA THR B 170 -6.18 5.08 -4.27
C THR B 170 -6.54 5.24 -2.80
N LEU B 171 -7.81 5.04 -2.47
CA LEU B 171 -8.24 5.12 -1.07
C LEU B 171 -7.47 4.19 -0.12
N PRO B 172 -7.34 2.87 -0.35
CA PRO B 172 -6.52 2.08 0.59
C PRO B 172 -5.04 2.48 0.53
N MET B 173 -4.54 2.99 -0.64
CA MET B 173 -3.15 3.44 -0.69
C MET B 173 -2.97 4.77 0.04
N GLY B 174 -4.05 5.34 0.56
CA GLY B 174 -4.01 6.52 1.42
C GLY B 174 -4.11 6.23 2.92
N VAL B 175 -4.12 4.97 3.32
CA VAL B 175 -4.19 4.56 4.72
C VAL B 175 -3.04 3.61 4.94
N VAL B 176 -2.29 3.79 6.04
CA VAL B 176 -1.20 2.85 6.31
C VAL B 176 -1.73 1.50 6.74
N ARG B 177 -2.64 1.48 7.72
CA ARG B 177 -3.21 0.21 8.19
C ARG B 177 -4.22 -0.29 7.17
N PRO B 178 -4.50 -1.60 7.18
CA PRO B 178 -5.45 -2.17 6.22
C PRO B 178 -6.90 -1.84 6.59
N LEU B 179 -7.66 -1.37 5.59
CA LEU B 179 -9.11 -1.22 5.73
C LEU B 179 -9.84 -2.56 5.66
N THR B 180 -10.84 -2.74 6.52
CA THR B 180 -11.65 -3.94 6.53
C THR B 180 -12.70 -3.90 5.40
N GLU B 181 -13.28 -5.07 5.11
CA GLU B 181 -14.31 -5.17 4.07
C GLU B 181 -15.51 -4.30 4.39
N VAL B 182 -15.89 -4.26 5.66
CA VAL B 182 -16.99 -3.39 6.07
C VAL B 182 -16.67 -1.93 5.80
N GLU B 183 -15.44 -1.50 6.12
CA GLU B 183 -15.06 -0.12 5.88
C GLU B 183 -15.03 0.18 4.40
N MET B 184 -14.49 -0.76 3.60
CA MET B 184 -14.47 -0.53 2.16
C MET B 184 -15.90 -0.41 1.62
N ASP B 185 -16.81 -1.22 2.14
CA ASP B 185 -18.19 -1.16 1.65
C ASP B 185 -18.85 0.16 2.02
N HIS B 186 -18.52 0.70 3.20
CA HIS B 186 -19.03 2.05 3.53
C HIS B 186 -18.50 3.08 2.53
N TYR B 187 -17.23 2.97 2.14
CA TYR B 187 -16.70 3.98 1.22
C TYR B 187 -17.18 3.75 -0.20
N ARG B 188 -17.49 2.49 -0.54
CA ARG B 188 -18.00 2.14 -1.85
C ARG B 188 -19.43 2.61 -2.07
N GLU B 189 -20.23 2.66 -1.00
CA GLU B 189 -21.68 2.77 -1.14
C GLU B 189 -22.14 3.96 -1.98
N PRO B 190 -21.60 5.17 -1.83
CA PRO B 190 -22.13 6.29 -2.63
C PRO B 190 -21.80 6.18 -4.10
N PHE B 191 -20.94 5.24 -4.49
CA PHE B 191 -20.37 5.26 -5.84
C PHE B 191 -20.57 3.95 -6.59
N LEU B 192 -21.60 3.18 -6.21
CA LEU B 192 -21.82 1.90 -6.86
C LEU B 192 -22.17 2.10 -8.33
N ASN B 193 -22.77 3.24 -8.66
CA ASN B 193 -23.17 3.48 -10.03
C ASN B 193 -22.13 4.37 -10.71
N PRO B 194 -21.51 3.92 -11.82
CA PRO B 194 -20.38 4.67 -12.41
C PRO B 194 -20.63 6.14 -12.69
N VAL B 195 -21.81 6.52 -13.17
CA VAL B 195 -21.98 7.93 -13.52
C VAL B 195 -21.97 8.83 -12.26
N ASP B 196 -22.20 8.25 -11.08
CA ASP B 196 -22.11 9.01 -9.83
C ASP B 196 -20.66 9.30 -9.41
N ARG B 197 -19.67 8.83 -10.18
CA ARG B 197 -18.27 9.00 -9.80
C ARG B 197 -17.64 10.30 -10.29
N GLU B 198 -18.40 11.20 -10.94
CA GLU B 198 -17.83 12.47 -11.37
C GLU B 198 -17.03 13.20 -10.31
N PRO B 199 -17.49 13.35 -9.06
CA PRO B 199 -16.64 14.06 -8.08
C PRO B 199 -15.32 13.41 -7.88
N LEU B 200 -15.28 12.08 -7.93
CA LEU B 200 -14.03 11.36 -7.70
C LEU B 200 -12.97 11.73 -8.72
N TRP B 201 -13.38 12.09 -9.95
CA TRP B 201 -12.44 12.44 -11.00
C TRP B 201 -12.20 13.94 -11.09
N ARG B 202 -13.25 14.73 -10.86
CA ARG B 202 -13.05 16.17 -10.93
C ARG B 202 -12.15 16.68 -9.78
N PHE B 203 -12.27 16.09 -8.56
CA PHE B 203 -11.43 16.59 -7.47
C PHE B 203 -9.93 16.48 -7.73
N PRO B 204 -9.36 15.32 -8.13
CA PRO B 204 -7.91 15.33 -8.37
C PRO B 204 -7.57 16.24 -9.58
N ASN B 205 -8.53 16.47 -10.48
CA ASN B 205 -8.27 17.39 -11.58
C ASN B 205 -8.29 18.83 -11.15
N GLU B 206 -8.83 19.14 -9.97
CA GLU B 206 -8.77 20.49 -9.41
C GLU B 206 -7.54 20.73 -8.53
N LEU B 207 -6.79 19.68 -8.16
CA LEU B 207 -5.59 19.86 -7.33
C LEU B 207 -4.67 20.92 -7.94
N PRO B 208 -4.15 21.85 -7.14
CA PRO B 208 -3.28 22.87 -7.70
C PRO B 208 -1.83 22.37 -7.80
N ILE B 209 -1.49 21.80 -8.96
CA ILE B 209 -0.21 21.12 -9.17
C ILE B 209 0.48 21.78 -10.36
N ALA B 210 1.68 22.29 -10.11
CA ALA B 210 2.53 22.87 -11.15
C ALA B 210 1.76 23.93 -11.93
N GLY B 211 1.02 24.77 -11.19
CA GLY B 211 0.39 25.91 -11.77
C GLY B 211 -0.99 25.70 -12.33
N GLU B 212 -1.50 24.46 -12.34
CA GLU B 212 -2.81 24.23 -12.93
C GLU B 212 -3.69 23.40 -12.00
N PRO B 213 -5.02 23.66 -12.01
CA PRO B 213 -5.67 24.78 -12.73
C PRO B 213 -5.33 26.13 -12.11
N ALA B 214 -5.00 27.09 -12.97
CA ALA B 214 -4.56 28.40 -12.50
C ALA B 214 -5.55 29.03 -11.51
N ASN B 215 -6.87 28.86 -11.74
CA ASN B 215 -7.85 29.51 -10.86
C ASN B 215 -7.79 28.93 -9.46
N ILE B 216 -7.56 27.62 -9.35
CA ILE B 216 -7.50 26.97 -8.05
C ILE B 216 -6.20 27.36 -7.35
N VAL B 217 -5.09 27.37 -8.09
CA VAL B 217 -3.81 27.86 -7.56
C VAL B 217 -4.01 29.25 -6.91
N ALA B 218 -4.62 30.18 -7.64
CA ALA B 218 -4.87 31.52 -7.10
C ALA B 218 -5.69 31.47 -5.82
N LEU B 219 -6.80 30.72 -5.86
CA LEU B 219 -7.68 30.63 -4.69
C LEU B 219 -6.95 30.07 -3.48
N VAL B 220 -6.18 29.00 -3.69
CA VAL B 220 -5.51 28.35 -2.56
C VAL B 220 -4.37 29.23 -2.06
N GLU B 221 -3.65 29.91 -2.97
CA GLU B 221 -2.63 30.84 -2.54
C GLU B 221 -3.24 31.92 -1.66
N GLU B 222 -4.45 32.39 -2.00
CA GLU B 222 -5.09 33.44 -1.23
C GLU B 222 -5.36 32.97 0.20
N TYR B 223 -5.88 31.74 0.37
CA TYR B 223 -6.15 31.40 1.77
C TYR B 223 -4.89 31.00 2.53
N MET B 224 -3.84 30.54 1.83
CA MET B 224 -2.56 30.32 2.50
C MET B 224 -1.95 31.65 2.94
N ASP B 225 -2.15 32.70 2.13
CA ASP B 225 -1.72 34.05 2.52
CA ASP B 225 -1.70 34.02 2.54
C ASP B 225 -2.39 34.47 3.83
N TRP B 226 -3.72 34.36 3.87
CA TRP B 226 -4.47 34.65 5.09
C TRP B 226 -3.97 33.80 6.26
N LEU B 227 -3.78 32.49 6.04
CA LEU B 227 -3.38 31.62 7.14
C LEU B 227 -2.05 32.04 7.75
N HIS B 228 -1.14 32.56 6.94
CA HIS B 228 0.16 33.00 7.43
C HIS B 228 0.09 34.28 8.23
N GLN B 229 -0.98 35.06 8.10
CA GLN B 229 -1.19 36.33 8.79
C GLN B 229 -2.12 36.19 10.00
N SER B 230 -3.21 35.43 9.85
CA SER B 230 -4.33 35.47 10.79
C SER B 230 -3.95 34.90 12.15
N PRO B 231 -4.38 35.54 13.24
CA PRO B 231 -4.18 34.98 14.57
C PRO B 231 -5.11 33.82 14.92
N VAL B 232 -5.98 33.37 14.00
CA VAL B 232 -6.93 32.30 14.28
C VAL B 232 -6.23 31.09 14.91
N PRO B 233 -6.72 30.52 16.00
CA PRO B 233 -6.07 29.32 16.55
C PRO B 233 -6.06 28.17 15.54
N LYS B 234 -4.93 27.45 15.48
CA LYS B 234 -4.69 26.42 14.47
C LYS B 234 -4.14 25.17 15.16
N LEU B 235 -4.64 24.00 14.74
CA LEU B 235 -4.19 22.69 15.18
C LEU B 235 -3.88 21.90 13.91
N LEU B 236 -2.61 21.57 13.67
CA LEU B 236 -2.20 20.81 12.50
C LEU B 236 -1.83 19.39 12.91
N PHE B 237 -2.46 18.38 12.30
CA PHE B 237 -2.05 16.98 12.46
C PHE B 237 -1.28 16.53 11.24
N TRP B 238 -0.20 15.79 11.43
CA TRP B 238 0.55 15.29 10.29
C TRP B 238 1.04 13.89 10.58
N GLY B 239 1.36 13.13 9.52
CA GLY B 239 1.91 11.81 9.68
C GLY B 239 3.07 11.57 8.73
N THR B 240 3.69 10.41 8.91
CA THR B 240 4.82 10.04 8.07
C THR B 240 4.46 8.84 7.24
N PRO B 241 4.61 8.89 5.90
CA PRO B 241 5.24 9.93 5.10
C PRO B 241 4.31 11.04 4.63
N GLY B 242 3.01 10.94 4.96
CA GLY B 242 2.03 11.88 4.45
C GLY B 242 1.87 11.71 2.95
N VAL B 243 0.95 12.50 2.39
CA VAL B 243 0.73 12.53 0.95
C VAL B 243 0.70 13.98 0.49
N LEU B 244 -0.35 14.71 0.86
CA LEU B 244 -0.43 16.13 0.53
C LEU B 244 0.57 16.96 1.34
N ILE B 245 0.88 16.54 2.56
CA ILE B 245 1.71 17.31 3.46
C ILE B 245 2.83 16.41 3.96
N PRO B 246 4.02 16.48 3.38
CA PRO B 246 5.14 15.68 3.90
C PRO B 246 5.65 16.25 5.20
N PRO B 247 6.34 15.44 6.01
CA PRO B 247 6.77 15.93 7.33
C PRO B 247 7.59 17.21 7.29
N ALA B 248 8.43 17.43 6.29
CA ALA B 248 9.18 18.68 6.24
C ALA B 248 8.26 19.88 6.01
N GLU B 249 7.15 19.68 5.29
CA GLU B 249 6.21 20.77 5.07
C GLU B 249 5.44 21.07 6.36
N ALA B 250 5.04 20.02 7.06
CA ALA B 250 4.41 20.19 8.36
C ALA B 250 5.29 20.99 9.31
N ALA B 251 6.61 20.71 9.31
CA ALA B 251 7.52 21.44 10.18
C ALA B 251 7.62 22.92 9.80
N ARG B 252 7.74 23.23 8.50
CA ARG B 252 7.75 24.63 8.07
C ARG B 252 6.50 25.34 8.56
N LEU B 253 5.35 24.72 8.35
CA LEU B 253 4.09 25.35 8.70
C LEU B 253 3.94 25.52 10.20
N ALA B 254 4.38 24.52 10.98
CA ALA B 254 4.29 24.65 12.43
C ALA B 254 5.08 25.86 12.93
N LYS B 255 6.15 26.24 12.21
CA LYS B 255 6.95 27.39 12.61
C LYS B 255 6.43 28.68 12.02
N SER B 256 5.80 28.64 10.85
CA SER B 256 5.45 29.89 10.18
C SER B 256 4.02 30.34 10.44
N LEU B 257 3.09 29.42 10.64
CA LEU B 257 1.68 29.81 10.82
C LEU B 257 1.47 30.33 12.23
N PRO B 258 0.88 31.50 12.40
CA PRO B 258 0.68 32.02 13.78
C PRO B 258 -0.24 31.13 14.61
N ASN B 259 0.07 31.06 15.92
CA ASN B 259 -0.82 30.43 16.90
CA ASN B 259 -0.84 30.44 16.87
C ASN B 259 -1.18 29.01 16.47
N CYS B 260 -0.15 28.25 16.10
CA CYS B 260 -0.33 26.93 15.51
C CYS B 260 0.34 25.88 16.38
N LYS B 261 -0.43 24.88 16.79
CA LYS B 261 0.09 23.69 17.43
C LYS B 261 0.15 22.56 16.42
N ALA B 262 1.27 21.85 16.34
CA ALA B 262 1.39 20.72 15.42
C ALA B 262 1.44 19.43 16.21
N VAL B 263 0.75 18.39 15.73
CA VAL B 263 0.72 17.09 16.42
C VAL B 263 1.10 15.99 15.44
N ASP B 264 2.11 15.19 15.79
CA ASP B 264 2.59 14.07 14.99
C ASP B 264 1.75 12.84 15.29
N ILE B 265 1.04 12.31 14.30
CA ILE B 265 0.16 11.18 14.57
C ILE B 265 0.84 9.84 14.38
N GLY B 266 2.12 9.83 14.04
CA GLY B 266 2.82 8.61 13.71
C GLY B 266 2.67 8.28 12.25
N PRO B 267 2.62 7.00 11.91
CA PRO B 267 2.52 6.60 10.50
C PRO B 267 1.19 7.09 9.92
N GLY B 268 1.26 7.68 8.72
CA GLY B 268 0.06 8.21 8.12
C GLY B 268 0.35 8.53 6.67
N LEU B 269 -0.68 8.40 5.82
CA LEU B 269 -0.60 8.80 4.41
C LEU B 269 -1.56 9.95 4.19
N ASN B 270 -2.78 9.72 3.69
CA ASN B 270 -3.73 10.83 3.52
C ASN B 270 -4.88 10.79 4.53
N LEU B 271 -5.49 9.61 4.76
CA LEU B 271 -6.67 9.56 5.66
C LEU B 271 -6.17 9.32 7.09
N LEU B 272 -5.59 10.39 7.68
CA LEU B 272 -4.94 10.25 8.99
C LEU B 272 -5.94 9.81 10.04
N GLN B 273 -7.20 10.15 9.84
CA GLN B 273 -8.27 9.71 10.75
C GLN B 273 -8.37 8.19 10.82
N GLU B 274 -7.98 7.49 9.75
CA GLU B 274 -8.09 6.05 9.76
C GLU B 274 -6.89 5.39 10.38
N ASP B 275 -5.77 6.09 10.55
CA ASP B 275 -4.59 5.52 11.17
C ASP B 275 -4.45 5.82 12.67
N ASN B 276 -4.88 7.01 13.14
CA ASN B 276 -4.81 7.28 14.57
C ASN B 276 -6.00 8.10 15.01
N PRO B 277 -7.22 7.56 14.90
CA PRO B 277 -8.38 8.33 15.36
C PRO B 277 -8.33 8.68 16.83
N ASP B 278 -7.75 7.82 17.67
CA ASP B 278 -7.80 8.10 19.11
C ASP B 278 -7.05 9.39 19.43
N LEU B 279 -5.86 9.53 18.86
CA LEU B 279 -5.04 10.72 19.10
C LEU B 279 -5.70 11.96 18.51
N ILE B 280 -6.17 11.85 17.26
CA ILE B 280 -6.78 13.01 16.62
C ILE B 280 -7.99 13.48 17.41
N GLY B 281 -8.88 12.55 17.80
CA GLY B 281 -10.07 12.95 18.54
C GLY B 281 -9.73 13.52 19.91
N SER B 282 -8.85 12.83 20.65
CA SER B 282 -8.57 13.30 22.00
C SER B 282 -7.82 14.63 21.99
N GLU B 283 -6.94 14.84 21.01
CA GLU B 283 -6.25 16.12 20.92
C GLU B 283 -7.19 17.24 20.50
N ILE B 284 -8.15 16.98 19.60
CA ILE B 284 -9.10 18.03 19.26
C ILE B 284 -9.89 18.42 20.52
N ALA B 285 -10.34 17.42 21.29
CA ALA B 285 -11.15 17.73 22.48
C ALA B 285 -10.34 18.55 23.48
N ARG B 286 -9.07 18.20 23.67
CA ARG B 286 -8.25 19.02 24.57
C ARG B 286 -8.04 20.42 24.03
N TRP B 287 -7.76 20.54 22.74
CA TRP B 287 -7.50 21.85 22.16
C TRP B 287 -8.71 22.77 22.25
N LEU B 288 -9.93 22.22 22.05
CA LEU B 288 -11.13 23.03 22.14
C LEU B 288 -11.24 23.67 23.52
N SER B 289 -10.84 22.94 24.54
CA SER B 289 -11.05 23.46 25.87
C SER B 289 -10.16 24.65 26.17
N THR B 290 -9.21 24.95 25.25
CA THR B 290 -8.32 26.09 25.34
C THR B 290 -8.84 27.31 24.58
N LEU B 291 -9.84 27.16 23.71
CA LEU B 291 -10.33 28.25 22.88
C LEU B 291 -11.37 29.09 23.64
N GLU B 292 -11.56 30.32 23.19
CA GLU B 292 -12.60 31.16 23.77
C GLU B 292 -13.91 30.91 23.01
N ILE B 293 -14.57 29.81 23.37
CA ILE B 293 -15.79 29.38 22.69
C ILE B 293 -16.92 29.02 23.63
#